data_2BXU
#
_entry.id   2BXU
#
_cell.length_a   70.505
_cell.length_b   71.917
_cell.length_c   72.522
_cell.angle_alpha   90.00
_cell.angle_beta   100.35
_cell.angle_gamma   90.00
#
_symmetry.space_group_name_H-M   'C 1 2 1'
#
loop_
_entity.id
_entity.type
_entity.pdbx_description
1 polymer 'ALPHA THROMBIN'
2 polymer HIRUDIN
3 polymer 'ALPHA THROMBIN'
4 non-polymer 1-(2-{[(6-AMINO-2-METHYLPYRIDIN-3-YL)METHYL]AMINO}ETHYL)-6-CHLORO-3-[(2,2-DIFLUORO-2-PYRIDIN-2-YLETHYL)AMINO]-1,4-DIHYDROPYRAZIN-2-OL
5 water water
#
loop_
_entity_poly.entity_id
_entity_poly.type
_entity_poly.pdbx_seq_one_letter_code
_entity_poly.pdbx_strand_id
1 'polypeptide(L)'
;IVEGSDAEIGMSPWQVMLFRKSPQELLCGASLISDRWVLTAAHCLLYPPWDKNFTENDLLVRIGKHSRTRYERNIEKISM
LEKIYIHPRYNWRENLDRDIALMKLKKPVAFSDYIHPVCLPDRETAASLLQAGYKGRVTGWGNLKETWTANVGKGQPSVL
QVVNLPIVERPVCKDSTRIRITDNMFCAGYKPDEGKRGDACEGDSGGPFVMKSPFNNRWYQMGIVSWGEGCDRDGKYGFY
THVFRLKKWIQKVIDQFGE
;
H
2 'polypeptide(L)' GDFEEIPEE(TYS)L I
3 'polypeptide(L)' TFGSGEADCGLRPLFEKKSLEDKTERELLESYIDGR L
#
loop_
_chem_comp.id
_chem_comp.type
_chem_comp.name
_chem_comp.formula
C1D non-polymer 1-(2-{[(6-AMINO-2-METHYLPYRIDIN-3-YL)METHYL]AMINO}ETHYL)-6-CHLORO-3-[(2,2-DIFLUORO-2-PYRIDIN-2-YLETHYL)AMINO]-1,4-DIHYDROPYRAZIN-2-OL 'C20 H30 Cl F2 N7 O'
#
# COMPACT_ATOMS: atom_id res chain seq x y z
N ILE A 1 2.60 -7.47 7.83
CA ILE A 1 2.05 -8.61 7.05
C ILE A 1 2.13 -9.91 7.86
N VAL A 2 1.01 -10.61 7.97
CA VAL A 2 0.98 -11.87 8.71
C VAL A 2 0.96 -13.05 7.72
N GLU A 3 1.91 -13.95 7.90
CA GLU A 3 2.05 -15.12 7.05
C GLU A 3 2.52 -14.73 5.65
N GLY A 4 3.49 -13.82 5.62
CA GLY A 4 4.03 -13.37 4.36
C GLY A 4 5.44 -13.89 4.17
N SER A 5 6.22 -13.24 3.34
CA SER A 5 7.59 -13.67 3.08
C SER A 5 8.43 -12.50 2.59
N ASP A 6 9.72 -12.53 2.89
CA ASP A 6 10.62 -11.46 2.48
C ASP A 6 10.44 -11.16 1.00
N ALA A 7 10.54 -9.88 0.64
CA ALA A 7 10.39 -9.46 -0.74
C ALA A 7 11.73 -9.56 -1.46
N GLU A 8 11.69 -9.62 -2.79
CA GLU A 8 12.89 -9.68 -3.60
C GLU A 8 13.36 -8.25 -3.82
N ILE A 9 14.66 -8.04 -3.91
CA ILE A 9 15.17 -6.69 -4.12
C ILE A 9 14.51 -6.05 -5.34
N GLY A 10 14.02 -4.83 -5.16
CA GLY A 10 13.37 -4.09 -6.24
C GLY A 10 12.03 -4.64 -6.68
N MET A 11 11.42 -5.50 -5.86
CA MET A 11 10.12 -6.09 -6.19
C MET A 11 8.99 -5.07 -6.13
N SER A 12 9.19 -3.99 -5.35
CA SER A 12 8.20 -2.93 -5.22
C SER A 12 8.86 -1.55 -5.30
N PRO A 13 9.34 -1.16 -6.48
CA PRO A 13 10.00 0.14 -6.65
C PRO A 13 9.08 1.32 -6.38
N TRP A 14 7.83 1.04 -6.01
CA TRP A 14 6.88 2.10 -5.73
C TRP A 14 6.47 2.16 -4.27
N GLN A 15 6.91 1.16 -3.50
CA GLN A 15 6.59 1.13 -2.08
C GLN A 15 7.21 2.35 -1.42
N VAL A 16 6.52 2.88 -0.43
CA VAL A 16 6.98 4.06 0.29
C VAL A 16 6.80 3.84 1.78
N MET A 17 7.66 4.45 2.59
CA MET A 17 7.54 4.31 4.03
C MET A 17 7.23 5.69 4.58
N LEU A 18 6.19 5.78 5.39
CA LEU A 18 5.83 7.06 5.99
C LEU A 18 6.60 7.03 7.30
N PHE A 19 7.61 7.88 7.37
CA PHE A 19 8.48 7.93 8.53
C PHE A 19 8.17 9.10 9.47
N ARG A 20 8.04 8.78 10.75
CA ARG A 20 7.76 9.79 11.76
C ARG A 20 9.10 10.32 12.29
N LYS A 21 9.35 11.62 12.08
CA LYS A 21 10.59 12.23 12.54
C LYS A 21 10.87 11.97 14.02
N SER A 22 10.14 12.66 14.89
CA SER A 22 10.33 12.51 16.34
C SER A 22 9.07 12.03 17.04
N PRO A 23 9.11 10.82 17.63
CA PRO A 23 10.28 9.94 17.64
C PRO A 23 10.36 9.07 16.37
N GLN A 24 11.57 8.94 15.83
CA GLN A 24 11.79 8.14 14.63
C GLN A 24 11.11 6.78 14.73
N GLU A 25 10.17 6.54 13.82
CA GLU A 25 9.43 5.27 13.81
C GLU A 25 8.53 5.17 12.59
N LEU A 26 8.30 3.93 12.16
CA LEU A 26 7.45 3.64 11.01
C LEU A 26 6.03 4.12 11.28
N LEU A 27 5.45 4.86 10.34
CA LEU A 27 4.09 5.34 10.50
C LEU A 27 3.12 4.50 9.69
N CYS A 28 3.34 4.45 8.38
CA CYS A 28 2.49 3.70 7.48
C CYS A 28 3.22 3.41 6.19
N GLY A 29 2.58 2.60 5.35
CA GLY A 29 3.13 2.28 4.05
C GLY A 29 2.57 3.36 3.14
N ALA A 30 2.97 3.34 1.88
CA ALA A 30 2.50 4.35 0.92
C ALA A 30 2.92 3.87 -0.45
N SER A 31 2.56 4.60 -1.50
CA SER A 31 2.97 4.19 -2.84
C SER A 31 3.30 5.42 -3.68
N LEU A 32 4.26 5.26 -4.58
CA LEU A 32 4.69 6.34 -5.45
C LEU A 32 3.97 6.27 -6.80
N ILE A 33 3.02 7.18 -7.03
CA ILE A 33 2.26 7.19 -8.28
C ILE A 33 2.84 8.18 -9.29
N SER A 34 3.73 9.03 -8.81
CA SER A 34 4.39 10.04 -9.63
C SER A 34 5.73 10.36 -9.02
N ASP A 35 6.56 11.12 -9.73
CA ASP A 35 7.88 11.47 -9.22
C ASP A 35 7.75 12.53 -8.13
N ARG A 36 6.53 13.02 -7.92
CA ARG A 36 6.29 14.02 -6.88
C ARG A 36 5.04 13.74 -6.04
N TRP A 37 4.23 12.77 -6.47
CA TRP A 37 3.00 12.42 -5.75
C TRP A 37 3.01 11.01 -5.16
N VAL A 38 2.67 10.93 -3.88
CA VAL A 38 2.63 9.67 -3.16
C VAL A 38 1.22 9.44 -2.61
N LEU A 39 0.69 8.25 -2.85
CA LEU A 39 -0.64 7.89 -2.37
C LEU A 39 -0.55 7.09 -1.09
N THR A 40 -1.55 7.22 -0.22
CA THR A 40 -1.58 6.49 1.05
C THR A 40 -2.97 6.45 1.65
N ALA A 41 -3.14 5.64 2.70
CA ALA A 41 -4.42 5.53 3.39
C ALA A 41 -4.64 6.82 4.18
N ALA A 42 -5.88 7.29 4.21
CA ALA A 42 -6.22 8.54 4.91
C ALA A 42 -6.22 8.48 6.44
N HIS A 43 -6.25 7.29 7.02
CA HIS A 43 -6.26 7.19 8.47
C HIS A 43 -4.87 7.18 9.08
N CYS A 44 -3.86 7.38 8.24
CA CYS A 44 -2.47 7.41 8.70
C CYS A 44 -2.10 8.83 9.09
N LEU A 45 -2.83 9.79 8.56
CA LEU A 45 -2.58 11.20 8.81
C LEU A 45 -3.63 11.81 9.74
N LEU A 46 -4.84 11.27 9.68
CA LEU A 46 -5.94 11.78 10.50
C LEU A 46 -6.85 10.69 11.07
N TYR A 47 -6.98 10.66 12.39
CA TYR A 47 -7.84 9.70 13.05
C TYR A 47 -8.06 10.11 14.51
N PRO A 48 -8.97 11.09 14.73
CA PRO A 48 -9.32 11.62 16.05
C PRO A 48 -9.45 10.62 17.20
N PRO A 49 -10.19 9.51 16.98
CA PRO A 49 -10.35 8.52 18.04
C PRO A 49 -9.05 8.16 18.75
N TRP A 50 -7.94 8.16 18.01
CA TRP A 50 -6.64 7.85 18.58
C TRP A 50 -5.77 9.09 18.71
N ASP A 51 -6.40 10.25 18.59
CA ASP A 51 -5.68 11.52 18.69
C ASP A 51 -4.54 11.59 17.70
N LYS A 52 -4.83 11.24 16.46
CA LYS A 52 -3.85 11.26 15.38
C LYS A 52 -4.30 12.28 14.34
N ASN A 53 -3.45 13.28 14.10
CA ASN A 53 -3.75 14.33 13.13
C ASN A 53 -2.43 14.95 12.66
N PHE A 54 -1.54 14.08 12.20
CA PHE A 54 -0.21 14.48 11.73
C PHE A 54 -0.21 15.65 10.76
N THR A 55 0.69 16.60 11.02
CA THR A 55 0.85 17.76 10.17
C THR A 55 1.99 17.46 9.21
N GLU A 56 1.89 17.95 7.99
CA GLU A 56 2.91 17.72 6.96
C GLU A 56 4.34 17.80 7.46
N ASN A 57 4.64 18.88 8.20
CA ASN A 57 5.98 19.10 8.74
C ASN A 57 6.26 18.21 9.95
N ASP A 58 5.69 17.00 9.94
CA ASP A 58 5.84 16.05 11.03
C ASP A 58 6.36 14.71 10.52
N LEU A 59 6.36 14.53 9.21
CA LEU A 59 6.78 13.27 8.63
C LEU A 59 7.85 13.37 7.56
N LEU A 60 8.31 12.21 7.11
CA LEU A 60 9.30 12.07 6.06
C LEU A 60 8.90 10.88 5.20
N VAL A 61 9.18 10.97 3.90
CA VAL A 61 8.86 9.90 2.99
C VAL A 61 10.15 9.17 2.56
N ARG A 62 10.31 7.93 3.02
CA ARG A 62 11.49 7.16 2.65
C ARG A 62 11.13 6.20 1.51
N ILE A 63 11.68 6.48 0.33
CA ILE A 63 11.40 5.70 -0.88
C ILE A 63 12.56 4.86 -1.40
N GLY A 64 12.26 3.63 -1.79
CA GLY A 64 13.28 2.74 -2.33
C GLY A 64 13.88 1.80 -1.30
N LYS A 65 13.18 1.58 -0.20
CA LYS A 65 13.68 0.72 0.88
C LYS A 65 13.23 -0.75 0.86
N HIS A 66 14.09 -1.59 1.45
CA HIS A 66 13.88 -3.02 1.57
C HIS A 66 14.02 -3.34 3.05
N SER A 67 14.84 -2.55 3.74
CA SER A 67 15.09 -2.69 5.17
C SER A 67 14.15 -1.76 5.92
N ARG A 68 13.70 -2.19 7.10
CA ARG A 68 12.78 -1.39 7.91
C ARG A 68 13.49 -0.41 8.84
N THR A 69 14.55 -0.87 9.50
CA THR A 69 15.28 -0.05 10.45
C THR A 69 16.54 0.64 9.95
N ARG A 70 17.31 -0.06 9.13
CA ARG A 70 18.57 0.46 8.57
C ARG A 70 18.40 1.52 7.49
N TYR A 71 19.18 2.59 7.57
CA TYR A 71 19.16 3.65 6.57
C TYR A 71 20.00 3.16 5.40
N GLU A 72 19.35 2.43 4.49
CA GLU A 72 20.01 1.83 3.32
C GLU A 72 20.70 2.85 2.42
N ARG A 73 21.93 3.21 2.80
CA ARG A 73 22.76 4.18 2.11
C ARG A 73 23.00 3.87 0.64
N ASN A 74 23.03 4.93 -0.18
CA ASN A 74 23.26 4.83 -1.62
C ASN A 74 22.07 4.25 -2.39
N ILE A 75 21.01 3.89 -1.70
CA ILE A 75 19.83 3.33 -2.35
C ILE A 75 18.55 4.13 -2.12
N GLU A 76 18.03 4.09 -0.89
CA GLU A 76 16.81 4.79 -0.55
C GLU A 76 16.95 6.29 -0.70
N LYS A 77 15.82 6.98 -0.72
CA LYS A 77 15.79 8.44 -0.85
C LYS A 77 14.70 8.99 0.05
N ILE A 78 15.09 9.87 0.97
CA ILE A 78 14.14 10.48 1.88
C ILE A 78 13.69 11.83 1.34
N SER A 79 12.38 12.00 1.22
CA SER A 79 11.82 13.24 0.70
C SER A 79 10.94 13.94 1.75
N MET A 80 10.75 15.26 1.59
CA MET A 80 9.94 16.03 2.52
C MET A 80 8.58 16.34 1.90
N LEU A 81 7.56 16.46 2.75
CA LEU A 81 6.20 16.75 2.28
C LEU A 81 5.91 18.24 2.12
N GLU A 82 5.25 18.59 1.04
CA GLU A 82 4.89 19.99 0.79
C GLU A 82 3.43 20.24 1.16
N LYS A 83 2.55 19.29 0.83
CA LYS A 83 1.14 19.45 1.14
C LYS A 83 0.40 18.12 1.27
N ILE A 84 -0.38 17.97 2.32
CA ILE A 84 -1.16 16.76 2.54
C ILE A 84 -2.57 17.00 2.05
N TYR A 85 -3.16 15.98 1.43
CA TYR A 85 -4.52 16.08 0.91
C TYR A 85 -5.35 14.89 1.34
N ILE A 86 -6.39 15.15 2.13
CA ILE A 86 -7.26 14.09 2.61
C ILE A 86 -8.64 14.22 1.97
N HIS A 87 -9.24 13.09 1.61
CA HIS A 87 -10.56 13.11 0.99
C HIS A 87 -11.54 13.85 1.89
N PRO A 88 -12.19 14.89 1.35
CA PRO A 88 -13.16 15.70 2.10
C PRO A 88 -14.37 14.92 2.62
N ARG A 89 -14.61 13.74 2.08
CA ARG A 89 -15.72 12.91 2.53
C ARG A 89 -15.21 11.62 3.13
N TYR A 90 -14.12 11.74 3.89
CA TYR A 90 -13.49 10.61 4.57
C TYR A 90 -14.16 10.37 5.92
N ASN A 91 -14.78 9.21 6.06
CA ASN A 91 -15.50 8.85 7.28
C ASN A 91 -14.62 8.26 8.39
N TRP A 92 -13.88 9.08 9.11
CA TRP A 92 -13.06 8.53 10.19
C TRP A 92 -13.97 8.33 11.39
N ARG A 93 -15.17 8.88 11.31
CA ARG A 93 -16.13 8.77 12.41
C ARG A 93 -16.86 7.43 12.47
N GLU A 94 -17.14 6.83 11.33
CA GLU A 94 -17.87 5.57 11.31
C GLU A 94 -17.10 4.33 10.86
N ASN A 95 -16.94 4.17 9.55
CA ASN A 95 -16.28 2.99 8.97
C ASN A 95 -15.09 3.24 8.05
N LEU A 96 -14.44 4.39 8.18
CA LEU A 96 -13.30 4.71 7.32
C LEU A 96 -13.67 4.67 5.83
N ASP A 97 -14.83 5.20 5.49
CA ASP A 97 -15.26 5.22 4.10
C ASP A 97 -14.45 6.28 3.38
N ARG A 98 -13.91 5.92 2.22
CA ARG A 98 -13.09 6.83 1.43
C ARG A 98 -11.79 7.13 2.17
N ASP A 99 -11.14 6.07 2.66
CA ASP A 99 -9.88 6.18 3.40
C ASP A 99 -8.68 6.35 2.45
N ILE A 100 -8.63 7.49 1.78
CA ILE A 100 -7.58 7.79 0.82
C ILE A 100 -7.01 9.20 1.03
N ALA A 101 -5.77 9.41 0.58
CA ALA A 101 -5.10 10.71 0.72
C ALA A 101 -3.80 10.75 -0.08
N LEU A 102 -3.43 11.95 -0.52
CA LEU A 102 -2.21 12.15 -1.31
C LEU A 102 -1.17 12.96 -0.55
N MET A 103 0.04 13.00 -1.10
CA MET A 103 1.15 13.74 -0.49
C MET A 103 2.11 14.24 -1.56
N LYS A 104 2.09 15.55 -1.81
CA LYS A 104 2.95 16.17 -2.80
C LYS A 104 4.30 16.49 -2.16
N LEU A 105 5.37 15.94 -2.75
CA LEU A 105 6.72 16.16 -2.24
C LEU A 105 7.21 17.56 -2.59
N LYS A 106 8.21 18.04 -1.86
CA LYS A 106 8.78 19.36 -2.11
C LYS A 106 9.70 19.34 -3.32
N LYS A 107 10.43 18.24 -3.47
CA LYS A 107 11.34 18.07 -4.60
C LYS A 107 11.03 16.72 -5.24
N PRO A 108 10.98 16.66 -6.57
CA PRO A 108 10.69 15.39 -7.22
C PRO A 108 11.79 14.37 -6.91
N VAL A 109 11.43 13.10 -6.83
CA VAL A 109 12.42 12.08 -6.53
C VAL A 109 12.97 11.51 -7.83
N ALA A 110 14.21 11.01 -7.79
CA ALA A 110 14.85 10.44 -8.98
C ALA A 110 14.65 8.94 -9.02
N PHE A 111 14.09 8.43 -10.11
CA PHE A 111 13.84 6.99 -10.24
C PHE A 111 15.16 6.21 -10.29
N SER A 112 15.04 4.89 -10.35
CA SER A 112 16.19 3.99 -10.40
C SER A 112 15.71 2.54 -10.35
N ASP A 113 16.64 1.60 -10.28
CA ASP A 113 16.28 0.18 -10.21
C ASP A 113 15.49 -0.12 -8.94
N TYR A 114 15.45 0.85 -8.04
CA TYR A 114 14.77 0.66 -6.76
C TYR A 114 13.58 1.60 -6.56
N ILE A 115 13.53 2.67 -7.33
CA ILE A 115 12.45 3.65 -7.21
C ILE A 115 11.76 3.89 -8.55
N HIS A 116 10.52 3.41 -8.66
CA HIS A 116 9.75 3.55 -9.89
C HIS A 116 8.26 3.63 -9.52
N PRO A 117 7.50 4.51 -10.19
CA PRO A 117 6.07 4.68 -9.94
C PRO A 117 5.20 3.55 -10.45
N VAL A 118 4.01 3.40 -9.87
CA VAL A 118 3.08 2.35 -10.27
C VAL A 118 1.96 2.98 -11.09
N CYS A 119 1.26 2.15 -11.85
CA CYS A 119 0.15 2.62 -12.68
C CYS A 119 -1.17 2.66 -11.93
N LEU A 120 -1.97 3.68 -12.20
CA LEU A 120 -3.28 3.79 -11.58
C LEU A 120 -4.25 3.18 -12.60
N PRO A 121 -5.29 2.49 -12.13
CA PRO A 121 -6.26 1.87 -13.04
C PRO A 121 -7.18 2.79 -13.82
N ASP A 122 -7.77 2.23 -14.86
CA ASP A 122 -8.72 2.93 -15.70
C ASP A 122 -10.00 2.11 -15.58
N ARG A 123 -11.12 2.65 -16.01
CA ARG A 123 -12.38 1.92 -15.90
C ARG A 123 -12.29 0.50 -16.45
N GLU A 124 -11.61 0.35 -17.59
CA GLU A 124 -11.45 -0.95 -18.23
C GLU A 124 -10.64 -1.95 -17.40
N THR A 125 -9.43 -1.56 -17.05
CA THR A 125 -8.54 -2.39 -16.25
C THR A 125 -9.31 -2.86 -15.02
N ALA A 126 -9.70 -1.90 -14.20
CA ALA A 126 -10.44 -2.16 -12.97
C ALA A 126 -11.59 -3.13 -13.21
N ALA A 127 -12.29 -2.94 -14.31
CA ALA A 127 -13.42 -3.79 -14.64
C ALA A 127 -13.07 -5.27 -14.76
N SER A 128 -12.10 -5.59 -15.59
CA SER A 128 -11.70 -6.98 -15.81
C SER A 128 -10.88 -7.67 -14.73
N LEU A 129 -10.23 -6.90 -13.86
CA LEU A 129 -9.39 -7.49 -12.81
C LEU A 129 -10.03 -7.60 -11.44
N LEU A 130 -10.79 -6.59 -11.02
CA LEU A 130 -11.44 -6.65 -9.72
C LEU A 130 -12.53 -7.71 -9.73
N GLN A 131 -12.13 -8.95 -9.47
CA GLN A 131 -13.06 -10.06 -9.44
C GLN A 131 -12.67 -11.05 -8.35
N ALA A 132 -13.65 -11.51 -7.57
CA ALA A 132 -13.40 -12.45 -6.51
C ALA A 132 -12.63 -13.67 -7.04
N GLY A 133 -11.51 -13.99 -6.41
CA GLY A 133 -10.71 -15.11 -6.85
C GLY A 133 -9.40 -14.65 -7.42
N TYR A 134 -9.45 -13.51 -8.11
CA TYR A 134 -8.26 -12.93 -8.71
C TYR A 134 -7.36 -12.42 -7.58
N LYS A 135 -6.17 -12.99 -7.51
CA LYS A 135 -5.21 -12.62 -6.49
C LYS A 135 -4.54 -11.27 -6.76
N GLY A 136 -4.12 -10.62 -5.67
CA GLY A 136 -3.43 -9.35 -5.77
C GLY A 136 -2.26 -9.46 -4.82
N ARG A 137 -1.40 -8.46 -4.79
CA ARG A 137 -0.24 -8.53 -3.91
C ARG A 137 -0.15 -7.39 -2.91
N VAL A 138 0.02 -7.74 -1.64
CA VAL A 138 0.15 -6.74 -0.58
C VAL A 138 1.56 -6.83 0.01
N THR A 139 2.15 -5.69 0.35
CA THR A 139 3.49 -5.66 0.91
C THR A 139 3.63 -4.52 1.93
N GLY A 140 4.38 -4.77 3.00
CA GLY A 140 4.57 -3.74 4.01
C GLY A 140 5.59 -4.12 5.08
N TRP A 141 5.85 -3.18 5.99
CA TRP A 141 6.80 -3.39 7.08
C TRP A 141 6.06 -3.48 8.43
N GLY A 142 4.82 -3.95 8.40
CA GLY A 142 4.02 -4.05 9.62
C GLY A 142 4.27 -5.29 10.47
N ASN A 143 3.41 -5.50 11.47
CA ASN A 143 3.54 -6.65 12.38
C ASN A 143 3.53 -7.96 11.62
N LEU A 144 4.21 -8.96 12.19
CA LEU A 144 4.28 -10.28 11.58
C LEU A 144 3.16 -11.17 12.11
N LYS A 145 2.56 -10.74 13.20
CA LYS A 145 1.46 -11.46 13.84
C LYS A 145 0.55 -10.47 14.60
N GLU A 146 -0.69 -10.88 14.86
CA GLU A 146 -1.63 -10.01 15.54
C GLU A 146 -1.15 -9.41 16.86
N THR A 147 -0.53 -10.22 17.72
CA THR A 147 -0.02 -9.73 19.00
C THR A 147 1.47 -9.98 19.19
N TRP A 148 1.86 -11.17 19.27
N LYS A 154 7.60 -13.39 16.36
CA LYS A 154 8.37 -12.11 16.39
C LYS A 154 7.45 -10.89 16.41
N GLY A 155 8.03 -9.71 16.32
CA GLY A 155 7.25 -8.49 16.31
C GLY A 155 7.24 -7.87 14.92
N GLN A 156 8.25 -7.07 14.63
CA GLN A 156 8.37 -6.43 13.33
C GLN A 156 9.31 -7.28 12.47
N PRO A 157 9.30 -7.06 11.14
CA PRO A 157 10.16 -7.82 10.24
C PRO A 157 11.47 -7.08 10.00
N SER A 158 12.42 -7.73 9.35
CA SER A 158 13.69 -7.10 9.05
C SER A 158 13.56 -6.37 7.72
N VAL A 159 13.03 -7.07 6.72
CA VAL A 159 12.84 -6.50 5.40
C VAL A 159 11.37 -6.53 4.99
N LEU A 160 11.06 -5.79 3.92
CA LEU A 160 9.70 -5.70 3.41
C LEU A 160 9.03 -7.06 3.23
N GLN A 161 7.81 -7.17 3.73
CA GLN A 161 7.04 -8.40 3.64
C GLN A 161 6.09 -8.35 2.45
N VAL A 162 5.74 -9.52 1.94
CA VAL A 162 4.84 -9.60 0.78
C VAL A 162 3.89 -10.77 0.94
N VAL A 163 2.73 -10.65 0.32
CA VAL A 163 1.73 -11.71 0.37
C VAL A 163 0.73 -11.53 -0.76
N ASN A 164 0.46 -12.63 -1.46
CA ASN A 164 -0.51 -12.61 -2.55
C ASN A 164 -1.82 -13.06 -1.95
N LEU A 165 -2.86 -12.27 -2.12
CA LEU A 165 -4.17 -12.62 -1.59
C LEU A 165 -5.25 -12.58 -2.65
N PRO A 166 -6.30 -13.40 -2.50
CA PRO A 166 -7.41 -13.47 -3.45
C PRO A 166 -8.54 -12.53 -3.06
N ILE A 167 -9.11 -11.83 -4.04
CA ILE A 167 -10.23 -10.92 -3.79
C ILE A 167 -11.44 -11.75 -3.38
N VAL A 168 -12.18 -11.27 -2.39
CA VAL A 168 -13.36 -11.97 -1.89
C VAL A 168 -14.67 -11.29 -2.32
N GLU A 169 -15.73 -12.09 -2.43
CA GLU A 169 -17.06 -11.62 -2.84
C GLU A 169 -17.72 -10.65 -1.87
N ARG A 170 -18.42 -9.65 -2.41
CA ARG A 170 -19.11 -8.64 -1.62
C ARG A 170 -19.91 -9.24 -0.46
N PRO A 171 -20.81 -10.19 -0.75
CA PRO A 171 -21.63 -10.84 0.28
C PRO A 171 -20.81 -11.35 1.45
N VAL A 172 -19.81 -12.18 1.14
CA VAL A 172 -18.92 -12.75 2.14
C VAL A 172 -18.30 -11.66 3.00
N CYS A 173 -17.70 -10.64 2.38
CA CYS A 173 -17.09 -9.56 3.13
C CYS A 173 -18.09 -9.01 4.16
N LYS A 174 -19.27 -8.62 3.69
CA LYS A 174 -20.31 -8.06 4.56
C LYS A 174 -20.78 -8.98 5.70
N ASP A 175 -20.71 -10.29 5.49
CA ASP A 175 -21.13 -11.22 6.52
C ASP A 175 -20.00 -11.55 7.50
N SER A 176 -18.82 -10.97 7.26
CA SER A 176 -17.67 -11.22 8.13
C SER A 176 -17.49 -10.13 9.20
N THR A 177 -18.28 -9.07 9.12
CA THR A 177 -18.16 -7.98 10.08
C THR A 177 -19.48 -7.35 10.49
N ARG A 178 -19.38 -6.36 11.38
CA ARG A 178 -20.53 -5.63 11.87
C ARG A 178 -20.43 -4.18 11.42
N ILE A 179 -19.31 -3.87 10.76
CA ILE A 179 -19.05 -2.52 10.26
C ILE A 179 -19.71 -2.36 8.88
N ARG A 180 -20.21 -1.15 8.62
CA ARG A 180 -20.88 -0.84 7.36
C ARG A 180 -19.91 -0.86 6.17
N ILE A 181 -20.00 -1.90 5.35
CA ILE A 181 -19.14 -2.05 4.18
C ILE A 181 -19.70 -1.31 2.96
N THR A 182 -19.00 -0.28 2.49
CA THR A 182 -19.46 0.50 1.35
C THR A 182 -18.86 0.04 0.03
N ASP A 183 -19.22 0.73 -1.05
CA ASP A 183 -18.73 0.43 -2.38
C ASP A 183 -17.29 0.89 -2.55
N ASN A 184 -16.88 1.90 -1.79
CA ASN A 184 -15.52 2.43 -1.86
C ASN A 184 -14.52 1.49 -1.21
N MET A 185 -14.88 0.22 -1.08
CA MET A 185 -13.97 -0.73 -0.46
C MET A 185 -14.32 -2.16 -0.81
N PHE A 186 -13.30 -3.02 -0.73
CA PHE A 186 -13.45 -4.44 -1.02
C PHE A 186 -12.48 -5.21 -0.12
N CYS A 187 -12.83 -6.44 0.24
CA CYS A 187 -11.97 -7.24 1.10
C CYS A 187 -11.26 -8.34 0.33
N ALA A 188 -10.10 -8.77 0.84
CA ALA A 188 -9.31 -9.81 0.20
C ALA A 188 -8.73 -10.78 1.23
N GLY A 189 -8.73 -12.06 0.88
CA GLY A 189 -8.19 -13.07 1.79
C GLY A 189 -8.62 -14.50 1.50
N TYR A 190 -7.97 -15.44 2.18
CA TYR A 190 -8.26 -16.86 2.01
C TYR A 190 -9.28 -17.36 3.04
N LYS A 191 -10.15 -18.27 2.60
CA LYS A 191 -11.17 -18.85 3.46
C LYS A 191 -10.52 -19.81 4.45
N PRO A 192 -11.19 -20.05 5.60
CA PRO A 192 -10.65 -20.95 6.62
C PRO A 192 -10.30 -22.32 6.04
N ASP A 193 -11.14 -22.81 5.13
CA ASP A 193 -10.91 -24.12 4.53
C ASP A 193 -9.78 -24.09 3.50
N GLU A 194 -9.76 -23.04 2.67
CA GLU A 194 -8.76 -22.89 1.61
C GLU A 194 -7.32 -23.24 1.97
N GLY A 195 -7.00 -23.27 3.26
CA GLY A 195 -5.65 -23.63 3.67
C GLY A 195 -4.66 -22.49 3.82
N LYS A 196 -4.50 -21.68 2.78
CA LYS A 196 -3.56 -20.57 2.84
C LYS A 196 -4.08 -19.45 3.74
N ARG A 197 -3.17 -18.65 4.27
CA ARG A 197 -3.53 -17.54 5.15
C ARG A 197 -2.99 -16.23 4.62
N GLY A 198 -2.57 -15.36 5.53
CA GLY A 198 -2.01 -14.07 5.12
C GLY A 198 -2.97 -12.90 5.22
N ASP A 199 -2.44 -11.75 5.59
CA ASP A 199 -3.22 -10.54 5.72
C ASP A 199 -2.33 -9.41 6.19
N ALA A 200 -2.76 -8.17 5.94
CA ALA A 200 -2.00 -7.00 6.36
C ALA A 200 -2.22 -6.88 7.86
N CYS A 201 -1.52 -5.94 8.49
CA CYS A 201 -1.66 -5.77 9.93
C CYS A 201 -1.19 -4.39 10.33
N GLU A 202 -1.37 -4.05 11.60
CA GLU A 202 -0.92 -2.74 12.09
C GLU A 202 0.47 -2.50 11.52
N GLY A 203 0.67 -1.33 10.92
CA GLY A 203 1.96 -1.01 10.33
C GLY A 203 1.95 -1.11 8.82
N ASP A 204 1.01 -1.89 8.28
CA ASP A 204 0.87 -2.09 6.83
C ASP A 204 -0.06 -1.04 6.18
N SER A 205 -0.87 -0.38 7.00
CA SER A 205 -1.81 0.64 6.51
C SER A 205 -1.14 1.59 5.51
N GLY A 206 -1.87 1.99 4.48
CA GLY A 206 -1.32 2.90 3.49
C GLY A 206 -0.61 2.19 2.35
N GLY A 207 -0.09 1.00 2.62
CA GLY A 207 0.60 0.25 1.59
C GLY A 207 -0.25 0.01 0.35
N PRO A 208 0.37 -0.45 -0.75
CA PRO A 208 -0.33 -0.71 -2.01
C PRO A 208 -0.78 -2.14 -2.28
N PHE A 209 -2.03 -2.30 -2.71
CA PHE A 209 -2.56 -3.60 -3.08
C PHE A 209 -2.57 -3.53 -4.61
N VAL A 210 -1.64 -4.24 -5.24
CA VAL A 210 -1.52 -4.20 -6.70
C VAL A 210 -1.87 -5.49 -7.44
N MET A 211 -2.07 -5.36 -8.74
CA MET A 211 -2.39 -6.48 -9.61
C MET A 211 -1.68 -6.25 -10.93
N LYS A 212 -0.98 -7.26 -11.44
CA LYS A 212 -0.28 -7.12 -12.71
C LYS A 212 -1.24 -7.46 -13.85
N SER A 213 -1.47 -6.49 -14.73
CA SER A 213 -2.36 -6.68 -15.86
C SER A 213 -1.84 -7.67 -16.89
N PRO A 214 -2.63 -8.71 -17.20
CA PRO A 214 -2.20 -9.71 -18.18
C PRO A 214 -2.32 -9.18 -19.61
N PHE A 215 -2.84 -7.96 -19.75
CA PHE A 215 -3.03 -7.34 -21.05
C PHE A 215 -1.79 -6.61 -21.56
N ASN A 216 -1.13 -5.87 -20.68
CA ASN A 216 0.08 -5.12 -21.04
C ASN A 216 1.20 -5.29 -20.02
N ASN A 217 1.10 -6.32 -19.19
CA ASN A 217 2.10 -6.62 -18.17
C ASN A 217 2.60 -5.44 -17.32
N ARG A 218 1.74 -4.46 -17.09
CA ARG A 218 2.10 -3.32 -16.26
C ARG A 218 1.42 -3.53 -14.90
N TRP A 219 2.02 -3.05 -13.82
CA TRP A 219 1.40 -3.22 -12.51
C TRP A 219 0.45 -2.10 -12.19
N TYR A 220 -0.61 -2.43 -11.45
CA TYR A 220 -1.64 -1.46 -11.07
C TYR A 220 -2.02 -1.56 -9.60
N GLN A 221 -2.29 -0.42 -8.98
CA GLN A 221 -2.72 -0.41 -7.58
C GLN A 221 -4.24 -0.32 -7.54
N MET A 222 -4.87 -1.43 -7.22
CA MET A 222 -6.33 -1.50 -7.17
C MET A 222 -6.87 -1.07 -5.80
N GLY A 223 -6.15 -1.42 -4.74
CA GLY A 223 -6.57 -1.07 -3.41
C GLY A 223 -5.50 -0.47 -2.53
N ILE A 224 -5.94 0.15 -1.44
CA ILE A 224 -5.06 0.76 -0.46
C ILE A 224 -5.40 0.04 0.85
N VAL A 225 -4.38 -0.46 1.55
CA VAL A 225 -4.62 -1.14 2.82
C VAL A 225 -5.37 -0.17 3.72
N SER A 226 -6.58 -0.56 4.15
CA SER A 226 -7.39 0.32 4.98
C SER A 226 -7.58 -0.11 6.43
N TRP A 227 -8.50 -1.05 6.66
CA TRP A 227 -8.79 -1.51 8.02
C TRP A 227 -8.99 -3.01 8.15
N GLY A 228 -9.12 -3.46 9.40
CA GLY A 228 -9.33 -4.87 9.67
C GLY A 228 -9.68 -5.14 11.12
N GLU A 229 -10.13 -6.36 11.40
CA GLU A 229 -10.49 -6.77 12.76
C GLU A 229 -9.60 -7.94 13.13
N GLY A 230 -8.45 -7.62 13.73
CA GLY A 230 -7.51 -8.67 14.10
C GLY A 230 -6.63 -8.89 12.90
N CYS A 231 -5.48 -9.53 13.10
CA CYS A 231 -4.57 -9.79 12.00
C CYS A 231 -4.56 -11.25 11.62
N ASP A 232 -5.04 -11.51 10.41
CA ASP A 232 -5.12 -12.86 9.85
C ASP A 232 -5.92 -13.86 10.67
N ARG A 233 -7.17 -13.54 10.94
CA ARG A 233 -8.04 -14.44 11.69
C ARG A 233 -8.94 -15.14 10.67
N ASP A 234 -9.18 -16.43 10.86
CA ASP A 234 -10.06 -17.13 9.93
C ASP A 234 -11.42 -16.46 10.02
N GLY A 235 -12.16 -16.46 8.92
CA GLY A 235 -13.47 -15.82 8.93
C GLY A 235 -13.37 -14.32 8.81
N LYS A 236 -12.19 -13.78 9.11
CA LYS A 236 -11.94 -12.34 9.02
C LYS A 236 -11.13 -12.05 7.77
N TYR A 237 -11.47 -10.96 7.09
CA TYR A 237 -10.78 -10.57 5.88
C TYR A 237 -10.14 -9.19 6.04
N GLY A 238 -9.59 -8.66 4.96
CA GLY A 238 -8.97 -7.35 5.02
C GLY A 238 -9.63 -6.42 4.02
N PHE A 239 -10.01 -5.24 4.48
CA PHE A 239 -10.66 -4.27 3.62
C PHE A 239 -9.70 -3.20 3.11
N TYR A 240 -9.68 -3.05 1.78
CA TYR A 240 -8.81 -2.10 1.10
C TYR A 240 -9.61 -1.04 0.37
N THR A 241 -9.08 0.19 0.35
CA THR A 241 -9.74 1.30 -0.34
C THR A 241 -9.87 0.96 -1.81
N HIS A 242 -11.05 1.20 -2.38
CA HIS A 242 -11.29 0.90 -3.80
C HIS A 242 -10.79 2.07 -4.65
N VAL A 243 -9.48 2.12 -4.87
CA VAL A 243 -8.83 3.20 -5.62
C VAL A 243 -9.56 3.77 -6.83
N PHE A 244 -9.98 2.92 -7.77
CA PHE A 244 -10.66 3.45 -8.95
C PHE A 244 -11.92 4.26 -8.67
N ARG A 245 -12.74 3.85 -7.70
CA ARG A 245 -13.95 4.60 -7.40
C ARG A 245 -13.60 5.99 -6.90
N LEU A 246 -12.43 6.12 -6.28
CA LEU A 246 -11.96 7.39 -5.78
C LEU A 246 -11.02 8.04 -6.79
N LYS A 247 -10.88 7.40 -7.94
CA LYS A 247 -10.00 7.88 -9.02
C LYS A 247 -10.25 9.33 -9.43
N LYS A 248 -11.51 9.76 -9.42
CA LYS A 248 -11.84 11.13 -9.79
C LYS A 248 -11.26 12.18 -8.86
N TRP A 249 -11.37 11.95 -7.55
CA TRP A 249 -10.85 12.89 -6.57
C TRP A 249 -9.34 12.99 -6.72
N ILE A 250 -8.70 11.85 -6.97
CA ILE A 250 -7.25 11.81 -7.14
C ILE A 250 -6.86 12.73 -8.29
N GLN A 251 -7.46 12.49 -9.45
CA GLN A 251 -7.16 13.29 -10.64
C GLN A 251 -7.37 14.76 -10.37
N LYS A 252 -8.51 15.10 -9.78
CA LYS A 252 -8.85 16.48 -9.46
C LYS A 252 -7.78 17.14 -8.60
N VAL A 253 -7.30 16.42 -7.59
CA VAL A 253 -6.28 16.94 -6.68
C VAL A 253 -4.94 17.21 -7.37
N ILE A 254 -4.63 16.41 -8.38
CA ILE A 254 -3.37 16.59 -9.08
C ILE A 254 -3.52 17.62 -10.21
N ASP A 255 -4.71 17.71 -10.79
CA ASP A 255 -4.94 18.68 -11.85
C ASP A 255 -4.83 20.08 -11.26
N GLN A 256 -5.68 20.35 -10.28
CA GLN A 256 -5.73 21.64 -9.61
C GLN A 256 -4.38 22.06 -9.04
N PHE A 257 -3.57 21.08 -8.64
CA PHE A 257 -2.28 21.38 -8.06
C PHE A 257 -1.13 20.83 -8.91
N GLY A 258 -1.24 20.89 -10.15
N GLY B 1 12.69 4.51 17.27
CA GLY B 1 12.96 3.24 17.97
C GLY B 1 14.20 2.53 17.46
N ASP B 2 14.11 1.22 17.31
CA ASP B 2 15.22 0.40 16.84
C ASP B 2 15.70 0.79 15.43
N PHE B 3 15.32 1.97 14.97
CA PHE B 3 15.71 2.44 13.65
C PHE B 3 17.08 3.10 13.61
N GLU B 4 17.82 2.83 12.53
CA GLU B 4 19.13 3.41 12.32
C GLU B 4 18.92 4.92 12.25
N GLU B 5 19.94 5.69 12.61
CA GLU B 5 19.83 7.14 12.56
C GLU B 5 19.84 7.67 11.13
N ILE B 6 18.93 8.60 10.86
CA ILE B 6 18.82 9.21 9.54
C ILE B 6 19.63 10.50 9.54
N PRO B 7 20.40 10.74 8.47
CA PRO B 7 21.23 11.96 8.36
C PRO B 7 20.46 13.25 8.68
N GLU B 8 21.11 14.13 9.44
CA GLU B 8 20.51 15.40 9.85
C GLU B 8 19.94 16.23 8.71
N GLU B 9 20.70 16.33 7.62
CA GLU B 9 20.29 17.13 6.47
C GLU B 9 18.81 17.01 6.08
N TYS B 10 18.18 15.89 6.42
CA TYS B 10 16.78 15.67 6.07
CB TYS B 10 16.52 14.19 5.80
CG TYS B 10 17.27 13.65 4.62
CD1 TYS B 10 17.15 14.23 3.35
CD2 TYS B 10 18.12 12.54 4.75
CE1 TYS B 10 17.84 13.72 2.26
CE2 TYS B 10 18.81 12.03 3.66
CZ TYS B 10 18.67 12.63 2.41
OH TYS B 10 19.34 12.09 1.33
S TYS B 10 18.82 10.80 0.72
O1 TYS B 10 18.76 9.63 1.61
O2 TYS B 10 17.50 11.10 0.09
O3 TYS B 10 19.83 10.59 -0.39
C TYS B 10 15.80 16.18 7.12
O TYS B 10 14.60 16.30 6.86
N LEU B 11 16.30 16.45 8.32
CA LEU B 11 15.46 16.94 9.41
C LEU B 11 15.44 18.46 9.41
N ALA C 7 3.32 6.93 -17.39
CA ALA C 7 3.36 6.45 -18.81
C ALA C 7 4.38 5.33 -18.95
N ASP C 8 5.08 5.04 -17.86
CA ASP C 8 6.10 4.01 -17.87
C ASP C 8 6.02 3.27 -16.52
N CYS C 9 4.90 3.49 -15.83
CA CYS C 9 4.64 2.88 -14.53
C CYS C 9 4.39 1.39 -14.69
N GLY C 10 4.27 0.69 -13.57
CA GLY C 10 4.01 -0.73 -13.61
C GLY C 10 5.14 -1.54 -14.23
N LEU C 11 6.15 -0.85 -14.76
CA LEU C 11 7.28 -1.55 -15.36
C LEU C 11 8.51 -1.37 -14.48
N ARG C 12 8.85 -2.43 -13.74
CA ARG C 12 9.98 -2.41 -12.82
C ARG C 12 11.33 -2.54 -13.50
N PRO C 13 12.29 -1.68 -13.12
CA PRO C 13 13.65 -1.66 -13.65
C PRO C 13 14.35 -3.02 -13.55
N LEU C 14 14.20 -3.66 -12.40
CA LEU C 14 14.84 -4.95 -12.14
C LEU C 14 14.03 -6.20 -12.47
N PHE C 15 13.01 -6.06 -13.32
CA PHE C 15 12.18 -7.22 -13.70
C PHE C 15 11.58 -7.06 -15.10
N GLU C 16 10.46 -6.36 -15.20
CA GLU C 16 9.83 -6.15 -16.50
C GLU C 16 10.84 -5.62 -17.49
N LYS C 17 11.58 -4.60 -17.06
CA LYS C 17 12.59 -3.95 -17.90
C LYS C 17 13.64 -4.89 -18.46
N LYS C 18 14.00 -5.93 -17.71
CA LYS C 18 15.01 -6.90 -18.14
C LYS C 18 14.38 -8.24 -18.49
N SER C 19 13.07 -8.24 -18.69
CA SER C 19 12.32 -9.44 -19.01
C SER C 19 12.64 -10.57 -18.02
N LEU C 20 12.44 -10.27 -16.74
CA LEU C 20 12.67 -11.24 -15.67
C LEU C 20 11.43 -11.25 -14.78
N GLU C 21 11.02 -12.44 -14.36
CA GLU C 21 9.86 -12.57 -13.50
C GLU C 21 10.35 -12.67 -12.06
N ASP C 22 9.43 -12.61 -11.10
CA ASP C 22 9.79 -12.74 -9.70
C ASP C 22 9.26 -14.07 -9.19
N LYS C 23 9.66 -14.44 -7.98
CA LYS C 23 9.28 -15.70 -7.38
C LYS C 23 7.80 -16.09 -7.29
N THR C 24 6.88 -15.14 -7.47
CA THR C 24 5.46 -15.50 -7.35
C THR C 24 4.48 -14.76 -8.26
N GLU C 25 4.94 -13.76 -8.99
CA GLU C 25 4.05 -13.00 -9.86
C GLU C 25 3.16 -13.90 -10.71
N ARG C 26 3.64 -15.09 -11.04
CA ARG C 26 2.89 -16.03 -11.84
C ARG C 26 1.56 -16.38 -11.17
N GLU C 27 1.57 -16.45 -9.84
CA GLU C 27 0.38 -16.77 -9.06
C GLU C 27 -0.80 -15.85 -9.40
N LEU C 28 -0.50 -14.58 -9.63
CA LEU C 28 -1.51 -13.60 -9.97
C LEU C 28 -2.09 -13.87 -11.35
N LEU C 29 -1.21 -14.15 -12.30
CA LEU C 29 -1.64 -14.43 -13.67
C LEU C 29 -2.51 -15.69 -13.72
N GLU C 30 -2.09 -16.71 -12.98
CA GLU C 30 -2.81 -17.97 -12.94
C GLU C 30 -4.17 -17.84 -12.27
N SER C 31 -4.38 -16.74 -11.55
CA SER C 31 -5.65 -16.52 -10.86
C SER C 31 -6.65 -15.82 -11.76
N TYR C 32 -6.16 -15.02 -12.70
CA TYR C 32 -7.06 -14.31 -13.59
C TYR C 32 -7.60 -15.28 -14.64
N ILE C 33 -8.32 -16.29 -14.17
CA ILE C 33 -8.90 -17.29 -15.06
C ILE C 33 -10.26 -16.82 -15.59
N ASP C 34 -11.14 -16.49 -14.76
C1 C1D D . -13.52 1.83 12.93
N2 C1D D . -13.24 0.53 13.41
C3 C1D D . -13.18 -0.57 12.55
C4 C1D D . -13.38 -0.36 11.16
C5 C1D D . -13.66 0.94 10.69
C6 C1D D . -13.73 2.04 11.56
C11 C1D D . -12.87 -1.98 13.08
C12 C1D D . -11.56 -2.01 13.90
F13 C1D D . -13.88 -2.38 13.88
F14 C1D D . -12.75 -2.87 12.07
N15 C1D D . -10.38 -1.77 13.03
C18 C1D D . -9.69 -0.57 12.84
C19 C1D D . -8.57 -0.47 11.85
N20 C1D D . -7.90 0.78 11.66
C21 C1D D . -8.30 1.91 12.46
C22 C1D D . -9.31 1.80 13.36
N23 C1D D . -10.02 0.50 13.55
C24 C1D D . -6.77 0.88 10.67
C25 C1D D . -5.45 0.18 11.10
N28 C1D D . -5.57 -1.27 11.39
C29 C1D D . -4.59 -1.95 10.52
C30 C1D D . -5.01 -3.27 9.86
C33 C1D D . -5.01 -3.29 8.45
C34 C1D D . -5.37 -4.42 7.72
C2 C1D D . -5.44 -4.59 12.06
C35 C1D D . -5.75 -5.59 8.39
C37 C1D D . -5.39 -4.47 10.55
O42 C1D D . -8.26 -1.44 11.19
N6 C1D D . -6.12 -6.74 7.66
CL43 C1D D . -7.53 3.45 12.31
N29 C1D D . -5.75 -5.60 9.80
#